data_6BR2
#
_entry.id   6BR2
#
_cell.length_a   99.842
_cell.length_b   99.842
_cell.length_c   125.484
_cell.angle_alpha   90.000
_cell.angle_beta   90.000
_cell.angle_gamma   120.000
#
_symmetry.space_group_name_H-M   'P 61'
#
loop_
_entity.id
_entity.type
_entity.pdbx_description
1 polymer 'Nuclear receptor ROR-gamma'
2 non-polymer (4S)-2-METHYL-2,4-PENTANEDIOL
3 non-polymer (1R)-N-(4-tert-butyl-3-fluorophenyl)-6-methoxy-2-[(3-oxo-2,3-dihydro-1,2-oxazol-5-yl)acetyl]-1,2,3,4-tetrahydroisoquinoline-1-carboxamide
4 water water
#
_entity_poly.entity_id   1
_entity_poly.type   'polypeptide(L)'
_entity_poly.pdbx_seq_one_letter_code
;ASLTEIEHLVQSVCKSYRETCQLRLEDLLRQRSNIFSREEVTGYQRKSMWEMWERCAHHLTEAIQYVVEFAKRLSGFMEL
CQNDQIVLLKAGAMEVVLVRMCRAYNADNRTVFFEGKYGGMELFRALGCSELISSIFDFSHSLSALHFSEDEIALYTALV
LINAHRPGLQEKRKVEQLQYNLELAFHHHLCKTHRQSILAKLPPKGKLRSLCSQH
;
_entity_poly.pdbx_strand_id   A,B
#
loop_
_chem_comp.id
_chem_comp.type
_chem_comp.name
_chem_comp.formula
E3S non-polymer (1R)-N-(4-tert-butyl-3-fluorophenyl)-6-methoxy-2-[(3-oxo-2,3-dihydro-1,2-oxazol-5-yl)acetyl]-1,2,3,4-tetrahydroisoquinoline-1-carboxamide 'C26 H28 F N3 O5'
MPD non-polymer (4S)-2-METHYL-2,4-PENTANEDIOL 'C6 H14 O2'
#
# COMPACT_ATOMS: atom_id res chain seq x y z
N ALA A 1 6.96 16.47 30.18
CA ALA A 1 5.49 16.31 29.98
C ALA A 1 4.68 17.29 30.85
N SER A 2 4.80 18.59 30.53
CA SER A 2 4.06 19.67 31.20
C SER A 2 2.96 20.26 30.28
N LEU A 3 2.60 21.53 30.49
CA LEU A 3 1.51 22.20 29.75
C LEU A 3 1.82 22.39 28.26
N THR A 4 2.91 23.09 27.94
CA THR A 4 3.29 23.34 26.54
C THR A 4 3.75 22.05 25.86
N GLU A 5 4.43 21.20 26.63
CA GLU A 5 4.86 19.86 26.20
C GLU A 5 3.71 19.01 25.64
N ILE A 6 2.61 18.97 26.39
CA ILE A 6 1.40 18.24 25.99
C ILE A 6 0.63 18.97 24.87
N GLU A 7 0.55 20.29 24.95
CA GLU A 7 -0.10 21.10 23.92
C GLU A 7 0.63 21.06 22.55
N HIS A 8 1.94 20.82 22.59
CA HIS A 8 2.72 20.54 21.38
C HIS A 8 2.24 19.26 20.71
N LEU A 9 1.97 18.25 21.53
CA LEU A 9 1.44 16.96 21.05
C LEU A 9 0.02 17.06 20.48
N VAL A 10 -0.86 17.79 21.17
CA VAL A 10 -2.24 18.07 20.71
C VAL A 10 -2.18 18.64 19.28
N GLN A 11 -1.45 19.73 19.13
CA GLN A 11 -1.25 20.38 17.84
C GLN A 11 -0.50 19.47 16.86
N SER A 12 0.40 18.64 17.39
CA SER A 12 1.16 17.73 16.57
C SER A 12 0.26 16.70 15.89
N VAL A 13 -0.66 16.12 16.66
CA VAL A 13 -1.60 15.08 16.17
C VAL A 13 -2.67 15.70 15.27
N CYS A 14 -3.18 16.88 15.66
CA CYS A 14 -4.17 17.60 14.85
C CYS A 14 -3.67 18.05 13.48
N LYS A 15 -2.38 18.40 13.39
CA LYS A 15 -1.75 18.68 12.11
C LYS A 15 -1.65 17.37 11.31
N SER A 16 -1.12 16.33 11.96
CA SER A 16 -0.93 15.00 11.35
C SER A 16 -2.19 14.44 10.70
N TYR A 17 -3.32 14.67 11.34
CA TYR A 17 -4.61 14.26 10.83
C TYR A 17 -5.06 15.16 9.68
N ARG A 18 -4.91 16.46 9.87
CA ARG A 18 -5.31 17.48 8.88
C ARG A 18 -4.64 17.20 7.54
N GLU A 19 -3.43 16.66 7.62
CA GLU A 19 -2.63 16.38 6.46
C GLU A 19 -2.85 14.99 5.86
N THR A 20 -3.64 14.17 6.54
CA THR A 20 -3.83 12.78 6.10
C THR A 20 -5.30 12.33 6.12
N CYS A 21 -6.22 13.30 6.07
CA CYS A 21 -7.66 13.00 6.22
C CYS A 21 -8.39 12.52 4.96
N GLN A 22 -7.68 12.48 3.82
CA GLN A 22 -8.17 11.98 2.51
C GLN A 22 -9.33 12.77 1.91
N LEU A 23 -10.42 12.93 2.66
CA LEU A 23 -11.55 13.74 2.25
C LEU A 23 -11.78 14.88 3.27
N ARG A 24 -11.77 16.12 2.77
CA ARG A 24 -11.98 17.32 3.58
C ARG A 24 -13.41 17.38 4.13
N LEU A 25 -13.54 17.80 5.38
CA LEU A 25 -14.85 17.92 6.00
C LEU A 25 -15.73 18.89 5.24
N GLU A 26 -15.15 20.04 4.84
CA GLU A 26 -15.85 21.08 4.09
C GLU A 26 -16.49 20.52 2.82
N ASP A 27 -15.78 19.58 2.19
CA ASP A 27 -16.28 18.88 1.02
C ASP A 27 -17.45 17.98 1.37
N LEU A 28 -17.25 17.08 2.33
CA LEU A 28 -18.27 16.09 2.72
C LEU A 28 -19.61 16.74 3.10
N LEU A 29 -19.54 17.86 3.84
CA LEU A 29 -20.73 18.54 4.35
C LEU A 29 -21.54 19.25 3.28
N ARG A 30 -20.85 19.83 2.29
CA ARG A 30 -21.50 20.49 1.18
C ARG A 30 -22.16 19.47 0.28
N GLN A 31 -21.44 18.38 0.03
CA GLN A 31 -21.87 17.27 -0.83
C GLN A 31 -23.11 16.50 -0.32
N ARG A 32 -23.47 16.71 0.95
CA ARG A 32 -24.65 16.10 1.59
C ARG A 32 -25.95 16.20 0.77
N SER A 33 -26.18 17.36 0.17
CA SER A 33 -27.34 17.59 -0.70
C SER A 33 -27.32 16.72 -1.97
N ASN A 34 -26.13 16.38 -2.45
CA ASN A 34 -25.97 15.53 -3.64
C ASN A 34 -26.19 14.04 -3.33
N ILE A 35 -27.45 13.62 -3.41
CA ILE A 35 -27.88 12.25 -3.11
C ILE A 35 -28.06 11.47 -4.42
N PHE A 36 -27.70 10.20 -4.44
CA PHE A 36 -27.95 9.32 -5.60
C PHE A 36 -29.44 9.23 -5.95
N SER A 37 -29.74 9.19 -7.25
CA SER A 37 -31.11 9.04 -7.73
C SER A 37 -31.50 7.57 -7.74
N ARG A 38 -32.80 7.30 -7.65
CA ARG A 38 -33.36 5.93 -7.63
C ARG A 38 -32.82 5.05 -8.77
N GLU A 39 -32.62 5.66 -9.94
CA GLU A 39 -32.02 4.98 -11.11
C GLU A 39 -30.60 4.53 -10.79
N GLU A 40 -29.81 5.47 -10.26
CA GLU A 40 -28.41 5.24 -9.93
C GLU A 40 -28.23 4.17 -8.86
N VAL A 41 -29.12 4.19 -7.86
CA VAL A 41 -29.20 3.21 -6.79
C VAL A 41 -29.48 1.81 -7.36
N THR A 42 -30.50 1.69 -8.21
CA THR A 42 -30.77 0.44 -8.92
C THR A 42 -29.55 0.03 -9.76
N GLY A 43 -28.93 1.02 -10.40
CA GLY A 43 -27.71 0.83 -11.19
C GLY A 43 -26.64 0.13 -10.39
N TYR A 44 -26.44 0.60 -9.16
CA TYR A 44 -25.50 0.01 -8.22
C TYR A 44 -25.96 -1.34 -7.72
N GLN A 45 -27.26 -1.50 -7.52
CA GLN A 45 -27.84 -2.73 -6.99
C GLN A 45 -27.77 -3.90 -7.98
N ARG A 46 -27.82 -3.59 -9.28
CA ARG A 46 -27.78 -4.60 -10.34
C ARG A 46 -26.40 -5.23 -10.50
N LYS A 47 -25.36 -4.48 -10.11
CA LYS A 47 -23.96 -4.94 -10.19
C LYS A 47 -23.71 -6.28 -9.47
N SER A 48 -22.68 -6.99 -9.89
CA SER A 48 -22.28 -8.20 -9.19
C SER A 48 -21.71 -7.88 -7.81
N MET A 49 -21.82 -8.84 -6.90
CA MET A 49 -21.22 -8.73 -5.58
C MET A 49 -19.71 -8.53 -5.70
N TRP A 50 -19.12 -9.16 -6.72
CA TRP A 50 -17.69 -9.07 -7.02
C TRP A 50 -17.27 -7.67 -7.40
N GLU A 51 -18.10 -6.99 -8.18
CA GLU A 51 -17.78 -5.65 -8.62
C GLU A 51 -17.92 -4.68 -7.46
N MET A 52 -18.89 -4.96 -6.59
CA MET A 52 -19.05 -4.18 -5.38
C MET A 52 -17.91 -4.39 -4.36
N TRP A 53 -17.48 -5.65 -4.15
CA TRP A 53 -16.30 -5.94 -3.32
C TRP A 53 -15.12 -5.16 -3.86
N GLU A 54 -14.86 -5.31 -5.16
CA GLU A 54 -13.73 -4.68 -5.84
C GLU A 54 -13.70 -3.18 -5.61
N ARG A 55 -14.81 -2.52 -5.98
CA ARG A 55 -15.00 -1.10 -5.72
C ARG A 55 -14.75 -0.74 -4.25
N CYS A 56 -15.43 -1.46 -3.35
CA CYS A 56 -15.35 -1.19 -1.91
C CYS A 56 -13.95 -1.38 -1.33
N ALA A 57 -13.34 -2.53 -1.68
CA ALA A 57 -12.00 -2.86 -1.23
C ALA A 57 -10.96 -1.86 -1.76
N HIS A 58 -11.15 -1.38 -3.00
CA HIS A 58 -10.28 -0.35 -3.57
C HIS A 58 -10.20 0.82 -2.60
N HIS A 59 -11.36 1.44 -2.36
CA HIS A 59 -11.46 2.70 -1.61
C HIS A 59 -11.05 2.53 -0.17
N LEU A 60 -11.40 1.39 0.41
CA LEU A 60 -11.05 1.07 1.80
C LEU A 60 -9.56 0.84 2.00
N THR A 61 -8.91 0.14 1.07
CA THR A 61 -7.44 -0.04 1.10
C THR A 61 -6.76 1.32 0.95
N GLU A 62 -7.23 2.09 -0.03
CA GLU A 62 -6.82 3.47 -0.23
C GLU A 62 -6.92 4.25 1.07
N ALA A 63 -8.01 4.07 1.82
CA ALA A 63 -8.21 4.72 3.12
C ALA A 63 -7.16 4.28 4.14
N ILE A 64 -6.87 2.98 4.17
CA ILE A 64 -5.87 2.39 5.06
C ILE A 64 -4.48 2.96 4.79
N GLN A 65 -4.21 3.26 3.52
CA GLN A 65 -2.96 3.92 3.11
C GLN A 65 -2.81 5.27 3.79
N TYR A 66 -3.88 6.07 3.77
CA TYR A 66 -3.94 7.36 4.46
C TYR A 66 -3.78 7.24 5.97
N VAL A 67 -4.34 6.18 6.55
CA VAL A 67 -4.23 5.92 7.99
C VAL A 67 -2.79 5.58 8.39
N VAL A 68 -2.09 4.84 7.53
CA VAL A 68 -0.67 4.54 7.74
C VAL A 68 0.18 5.83 7.76
N GLU A 69 -0.07 6.73 6.82
CA GLU A 69 0.60 8.03 6.78
C GLU A 69 0.36 8.88 8.02
N PHE A 70 -0.86 8.81 8.56
CA PHE A 70 -1.20 9.41 9.84
C PHE A 70 -0.38 8.77 10.95
N ALA A 71 -0.33 7.44 10.96
CA ALA A 71 0.43 6.70 11.96
C ALA A 71 1.92 7.04 11.87
N LYS A 72 2.45 7.09 10.65
CA LYS A 72 3.86 7.41 10.39
C LYS A 72 4.31 8.76 10.96
N ARG A 73 3.46 9.78 10.84
CA ARG A 73 3.77 11.10 11.41
C ARG A 73 3.16 11.38 12.80
N LEU A 74 2.96 10.32 13.58
CA LEU A 74 2.77 10.46 15.02
C LEU A 74 4.13 10.30 15.65
N SER A 75 4.57 11.32 16.39
CA SER A 75 5.89 11.29 17.04
C SER A 75 5.94 10.10 17.98
N GLY A 76 7.04 9.36 17.91
CA GLY A 76 7.21 8.15 18.70
C GLY A 76 6.94 6.87 17.95
N PHE A 77 5.98 6.90 17.02
CA PHE A 77 5.58 5.71 16.26
C PHE A 77 6.72 5.09 15.47
N MET A 78 7.57 5.95 14.88
CA MET A 78 8.72 5.51 14.11
C MET A 78 9.84 4.92 14.97
N GLU A 79 10.00 5.44 16.18
CA GLU A 79 10.97 4.92 17.16
C GLU A 79 10.65 3.49 17.65
N LEU A 80 9.39 3.06 17.46
CA LEU A 80 8.97 1.69 17.78
C LEU A 80 9.60 0.72 16.80
N CYS A 81 9.90 -0.49 17.26
CA CYS A 81 10.53 -1.51 16.41
C CYS A 81 9.59 -2.02 15.31
N GLN A 82 10.21 -2.50 14.22
CA GLN A 82 9.50 -3.02 13.04
C GLN A 82 8.27 -3.84 13.42
N ASN A 83 8.50 -4.93 14.17
CA ASN A 83 7.45 -5.84 14.64
C ASN A 83 6.28 -5.13 15.33
N ASP A 84 6.60 -4.22 16.24
CA ASP A 84 5.60 -3.48 17.03
C ASP A 84 4.76 -2.50 16.22
N GLN A 85 5.39 -1.87 15.23
CA GLN A 85 4.71 -0.94 14.31
C GLN A 85 3.59 -1.64 13.55
N ILE A 86 3.93 -2.80 12.97
CA ILE A 86 3.02 -3.59 12.15
C ILE A 86 1.91 -4.23 12.97
N VAL A 87 2.22 -4.64 14.20
CA VAL A 87 1.20 -5.22 15.11
C VAL A 87 0.09 -4.19 15.36
N LEU A 88 0.50 -2.94 15.64
CA LEU A 88 -0.42 -1.83 15.96
C LEU A 88 -1.33 -1.45 14.79
N LEU A 89 -0.77 -1.53 13.59
CA LEU A 89 -1.46 -1.18 12.36
C LEU A 89 -2.37 -2.28 11.88
N LYS A 90 -1.98 -3.53 12.14
CA LYS A 90 -2.78 -4.69 11.76
C LYS A 90 -4.06 -4.77 12.60
N ALA A 91 -3.95 -4.38 13.88
CA ALA A 91 -5.07 -4.43 14.82
C ALA A 91 -5.88 -3.12 14.88
N GLY A 92 -5.38 -2.06 14.25
CA GLY A 92 -5.95 -0.72 14.37
C GLY A 92 -6.51 -0.05 13.12
N ALA A 93 -5.79 -0.15 12.00
CA ALA A 93 -6.11 0.62 10.79
C ALA A 93 -7.57 0.52 10.29
N MET A 94 -8.18 -0.66 10.38
CA MET A 94 -9.59 -0.81 10.01
C MET A 94 -10.53 -0.13 10.99
N GLU A 95 -10.22 -0.24 12.28
CA GLU A 95 -10.96 0.48 13.33
C GLU A 95 -10.90 2.01 13.11
N VAL A 96 -9.72 2.52 12.73
CA VAL A 96 -9.52 3.96 12.44
C VAL A 96 -10.36 4.42 11.24
N VAL A 97 -10.31 3.65 10.16
CA VAL A 97 -11.12 3.91 8.95
C VAL A 97 -12.60 4.01 9.32
N LEU A 98 -13.07 3.08 10.15
CA LEU A 98 -14.47 3.03 10.58
C LEU A 98 -14.94 4.27 11.34
N VAL A 99 -14.07 4.78 12.23
CA VAL A 99 -14.30 6.04 12.93
C VAL A 99 -14.30 7.19 11.92
N ARG A 100 -13.20 7.38 11.20
CA ARG A 100 -13.06 8.40 10.14
C ARG A 100 -14.25 8.49 9.17
N MET A 101 -14.93 7.35 8.99
CA MET A 101 -16.07 7.23 8.10
C MET A 101 -17.32 7.98 8.54
N CYS A 102 -17.43 8.25 9.84
CA CYS A 102 -18.59 8.97 10.40
C CYS A 102 -18.72 10.43 9.90
N ARG A 103 -17.60 11.01 9.47
CA ARG A 103 -17.59 12.34 8.84
C ARG A 103 -18.30 12.32 7.50
N ALA A 104 -18.29 11.15 6.87
CA ALA A 104 -18.86 10.96 5.55
C ALA A 104 -20.31 10.50 5.63
N TYR A 105 -20.89 10.55 6.85
CA TYR A 105 -22.25 10.07 7.08
C TYR A 105 -23.25 11.16 7.50
N ASN A 106 -24.24 11.38 6.63
CA ASN A 106 -25.31 12.30 6.95
C ASN A 106 -26.37 11.60 7.79
N ALA A 107 -26.45 12.01 9.05
CA ALA A 107 -27.36 11.41 10.03
C ALA A 107 -28.83 11.77 9.80
N ASP A 108 -29.08 12.87 9.09
CA ASP A 108 -30.44 13.33 8.78
C ASP A 108 -31.17 12.33 7.92
N ASN A 109 -30.58 12.01 6.76
CA ASN A 109 -31.21 11.11 5.80
C ASN A 109 -30.65 9.68 5.80
N ARG A 110 -29.80 9.38 6.78
CA ARG A 110 -29.16 8.06 6.95
C ARG A 110 -28.39 7.59 5.71
N THR A 111 -27.59 8.48 5.12
CA THR A 111 -26.81 8.16 3.92
C THR A 111 -25.30 8.37 4.12
N VAL A 112 -24.51 7.74 3.25
CA VAL A 112 -23.04 7.80 3.32
C VAL A 112 -22.41 8.25 1.99
N PHE A 113 -21.30 8.96 2.08
CA PHE A 113 -20.55 9.33 0.87
C PHE A 113 -19.86 8.11 0.26
N PHE A 114 -20.22 7.84 -0.99
CA PHE A 114 -19.67 6.71 -1.75
C PHE A 114 -19.60 7.10 -3.21
N GLU A 115 -18.39 7.05 -3.74
CA GLU A 115 -18.10 7.31 -5.17
C GLU A 115 -18.85 8.54 -5.70
N GLY A 116 -18.52 9.71 -5.16
CA GLY A 116 -19.04 10.97 -5.66
C GLY A 116 -20.31 11.53 -5.03
N LYS A 117 -21.27 10.67 -4.71
CA LYS A 117 -22.56 11.12 -4.15
C LYS A 117 -22.89 10.39 -2.85
N TYR A 118 -24.02 10.75 -2.24
CA TYR A 118 -24.51 10.13 -1.02
C TYR A 118 -25.62 9.11 -1.30
N GLY A 119 -25.50 7.94 -0.68
CA GLY A 119 -26.51 6.88 -0.79
C GLY A 119 -26.81 6.21 0.54
N GLY A 120 -28.02 5.65 0.65
CA GLY A 120 -28.42 4.86 1.83
C GLY A 120 -27.84 3.46 1.80
N MET A 121 -28.22 2.63 2.76
CA MET A 121 -27.63 1.30 2.84
C MET A 121 -28.14 0.30 1.81
N GLU A 122 -29.28 0.61 1.19
CA GLU A 122 -29.82 -0.20 0.07
C GLU A 122 -28.89 -0.17 -1.16
N LEU A 123 -27.96 0.77 -1.15
CA LEU A 123 -26.96 0.91 -2.20
C LEU A 123 -26.04 -0.30 -2.31
N PHE A 124 -25.80 -0.97 -1.18
CA PHE A 124 -24.86 -2.09 -1.11
C PHE A 124 -25.56 -3.46 -1.04
N ARG A 125 -26.76 -3.52 -1.61
CA ARG A 125 -27.57 -4.74 -1.62
C ARG A 125 -26.91 -5.92 -2.34
N ALA A 126 -26.04 -5.62 -3.31
CA ALA A 126 -25.36 -6.63 -4.12
C ALA A 126 -24.46 -7.53 -3.29
N LEU A 127 -23.88 -6.96 -2.23
CA LEU A 127 -22.97 -7.67 -1.32
C LEU A 127 -23.63 -8.81 -0.54
N GLY A 128 -24.92 -8.69 -0.26
CA GLY A 128 -25.65 -9.68 0.54
C GLY A 128 -25.15 -9.82 1.97
N CYS A 129 -24.63 -8.71 2.52
CA CYS A 129 -24.15 -8.63 3.90
C CYS A 129 -24.90 -7.52 4.62
N SER A 130 -26.24 -7.58 4.58
CA SER A 130 -27.11 -6.52 5.13
C SER A 130 -26.95 -6.29 6.63
N GLU A 131 -26.67 -7.38 7.35
CA GLU A 131 -26.42 -7.39 8.79
C GLU A 131 -25.24 -6.47 9.13
N LEU A 132 -24.09 -6.74 8.50
CA LEU A 132 -22.85 -6.00 8.74
C LEU A 132 -22.93 -4.52 8.33
N ILE A 133 -23.59 -4.26 7.21
CA ILE A 133 -23.74 -2.89 6.71
C ILE A 133 -24.61 -2.05 7.67
N SER A 134 -25.71 -2.63 8.15
CA SER A 134 -26.58 -2.00 9.18
C SER A 134 -25.78 -1.57 10.40
N SER A 135 -24.98 -2.48 10.93
CA SER A 135 -24.17 -2.19 12.11
C SER A 135 -23.11 -1.13 11.86
N ILE A 136 -22.59 -1.06 10.64
CA ILE A 136 -21.66 0.00 10.23
C ILE A 136 -22.38 1.37 10.19
N PHE A 137 -23.60 1.36 9.66
CA PHE A 137 -24.43 2.56 9.62
C PHE A 137 -24.88 3.00 11.03
N ASP A 138 -25.19 2.01 11.87
CA ASP A 138 -25.55 2.21 13.27
C ASP A 138 -24.42 2.91 14.02
N PHE A 139 -23.23 2.33 13.93
CA PHE A 139 -22.02 2.84 14.55
C PHE A 139 -21.68 4.25 14.07
N SER A 140 -21.89 4.52 12.79
CA SER A 140 -21.66 5.84 12.22
C SER A 140 -22.70 6.83 12.71
N HIS A 141 -23.93 6.34 12.88
CA HIS A 141 -25.03 7.17 13.35
C HIS A 141 -24.77 7.72 14.75
N SER A 142 -24.37 6.83 15.65
CA SER A 142 -24.09 7.19 17.04
C SER A 142 -22.93 8.17 17.17
N LEU A 143 -21.89 8.01 16.36
CA LEU A 143 -20.75 8.94 16.37
C LEU A 143 -21.09 10.29 15.75
N SER A 144 -22.11 10.29 14.87
CA SER A 144 -22.66 11.54 14.32
C SER A 144 -23.45 12.33 15.37
N ALA A 145 -24.13 11.59 16.25
CA ALA A 145 -24.88 12.16 17.38
C ALA A 145 -24.02 13.02 18.30
N LEU A 146 -22.74 12.67 18.40
CA LEU A 146 -21.74 13.39 19.22
C LEU A 146 -21.14 14.65 18.56
N HIS A 147 -21.42 14.84 17.27
CA HIS A 147 -20.84 15.92 16.45
C HIS A 147 -19.32 16.02 16.58
N PHE A 148 -18.67 14.87 16.45
CA PHE A 148 -17.22 14.73 16.50
C PHE A 148 -16.48 15.84 15.75
N SER A 149 -15.62 16.57 16.46
CA SER A 149 -14.79 17.56 15.79
C SER A 149 -13.57 16.89 15.14
N GLU A 150 -13.00 17.57 14.14
CA GLU A 150 -11.83 17.08 13.41
C GLU A 150 -10.70 16.74 14.37
N ASP A 151 -10.40 17.69 15.27
CA ASP A 151 -9.40 17.50 16.31
C ASP A 151 -9.68 16.31 17.23
N GLU A 152 -10.97 16.07 17.50
CA GLU A 152 -11.42 14.95 18.35
C GLU A 152 -11.20 13.61 17.67
N ILE A 153 -11.49 13.54 16.36
CA ILE A 153 -11.21 12.33 15.57
C ILE A 153 -9.70 12.07 15.55
N ALA A 154 -8.93 13.09 15.17
CA ALA A 154 -7.46 13.10 15.22
C ALA A 154 -6.92 12.45 16.49
N LEU A 155 -7.40 12.96 17.63
CA LEU A 155 -6.93 12.51 18.94
C LEU A 155 -7.38 11.11 19.32
N TYR A 156 -8.68 10.85 19.18
CA TYR A 156 -9.28 9.54 19.47
C TYR A 156 -8.68 8.42 18.61
N THR A 157 -8.55 8.66 17.29
CA THR A 157 -8.02 7.63 16.37
C THR A 157 -6.53 7.38 16.54
N ALA A 158 -5.82 8.37 17.08
CA ALA A 158 -4.44 8.15 17.51
C ALA A 158 -4.44 7.14 18.64
N LEU A 159 -5.43 7.24 19.52
CA LEU A 159 -5.54 6.36 20.68
C LEU A 159 -6.05 4.97 20.34
N VAL A 160 -6.79 4.88 19.24
CA VAL A 160 -7.23 3.60 18.69
C VAL A 160 -6.03 2.77 18.23
N LEU A 161 -5.10 3.41 17.52
CA LEU A 161 -3.90 2.77 17.00
C LEU A 161 -2.93 2.36 18.10
N ILE A 162 -2.54 3.35 18.92
CA ILE A 162 -1.51 3.19 19.94
C ILE A 162 -2.11 2.56 21.22
N ASN A 163 -2.15 1.22 21.21
CA ASN A 163 -2.72 0.43 22.30
C ASN A 163 -1.66 -0.56 22.84
N ALA A 164 -1.34 -0.42 24.13
CA ALA A 164 -0.35 -1.27 24.80
C ALA A 164 -0.82 -2.72 24.97
N HIS A 165 -2.14 -2.93 24.91
CA HIS A 165 -2.73 -4.24 25.11
C HIS A 165 -2.92 -5.07 23.83
N ARG A 166 -2.33 -4.64 22.72
CA ARG A 166 -2.31 -5.43 21.48
C ARG A 166 -1.44 -6.67 21.64
N PRO A 167 -1.93 -7.85 21.21
CA PRO A 167 -1.18 -9.10 21.40
C PRO A 167 -0.02 -9.26 20.41
N GLY A 168 1.17 -9.53 20.92
CA GLY A 168 2.36 -9.77 20.11
C GLY A 168 3.31 -8.59 19.99
N LEU A 169 3.36 -7.76 21.03
CA LEU A 169 4.23 -6.59 21.07
C LEU A 169 5.49 -6.89 21.87
N GLN A 170 6.64 -6.53 21.31
CA GLN A 170 7.94 -6.78 21.96
C GLN A 170 8.20 -5.80 23.09
N GLU A 171 8.19 -4.50 22.77
CA GLU A 171 8.45 -3.45 23.75
C GLU A 171 7.14 -2.79 24.21
N LYS A 172 6.41 -3.52 25.06
CA LYS A 172 5.12 -3.06 25.60
C LYS A 172 5.21 -1.73 26.36
N ARG A 173 6.31 -1.54 27.11
CA ARG A 173 6.57 -0.31 27.84
C ARG A 173 6.78 0.92 26.94
N LYS A 174 7.35 0.69 25.75
CA LYS A 174 7.59 1.73 24.75
C LYS A 174 6.26 2.22 24.17
N VAL A 175 5.32 1.29 23.99
CA VAL A 175 3.96 1.58 23.53
C VAL A 175 3.15 2.22 24.66
N GLU A 176 3.24 1.64 25.87
CA GLU A 176 2.65 2.17 27.10
C GLU A 176 2.92 3.67 27.27
N GLN A 177 4.20 4.03 27.21
CA GLN A 177 4.65 5.41 27.41
C GLN A 177 4.04 6.33 26.36
N LEU A 178 3.87 5.79 25.16
CA LEU A 178 3.33 6.53 24.03
C LEU A 178 1.83 6.72 24.14
N GLN A 179 1.12 5.66 24.53
CA GLN A 179 -0.34 5.65 24.72
C GLN A 179 -0.75 6.63 25.81
N TYR A 180 0.07 6.68 26.86
CA TYR A 180 -0.17 7.53 28.01
C TYR A 180 -0.12 9.02 27.65
N ASN A 181 0.88 9.43 26.87
CA ASN A 181 1.01 10.83 26.44
C ASN A 181 -0.13 11.28 25.54
N LEU A 182 -0.62 10.37 24.71
CA LEU A 182 -1.77 10.63 23.83
C LEU A 182 -3.09 10.69 24.58
N GLU A 183 -3.21 9.91 25.66
CA GLU A 183 -4.35 10.01 26.57
C GLU A 183 -4.39 11.36 27.26
N LEU A 184 -3.22 11.81 27.74
CA LEU A 184 -3.08 13.12 28.36
C LEU A 184 -3.49 14.23 27.41
N ALA A 185 -2.97 14.17 26.18
CA ALA A 185 -3.32 15.10 25.11
C ALA A 185 -4.83 15.10 24.84
N PHE A 186 -5.41 13.90 24.70
CA PHE A 186 -6.86 13.73 24.47
C PHE A 186 -7.68 14.33 25.60
N HIS A 187 -7.32 13.98 26.83
CA HIS A 187 -8.02 14.47 28.02
C HIS A 187 -7.82 15.97 28.27
N HIS A 188 -6.61 16.48 28.01
CA HIS A 188 -6.33 17.92 28.12
C HIS A 188 -7.13 18.75 27.14
N HIS A 189 -7.28 18.23 25.91
CA HIS A 189 -7.94 18.98 24.85
C HIS A 189 -9.45 19.07 25.08
N LEU A 190 -10.04 17.98 25.58
CA LEU A 190 -11.47 17.94 25.85
C LEU A 190 -11.78 18.92 26.97
N CYS A 191 -10.92 18.92 27.98
CA CYS A 191 -10.96 19.86 29.07
C CYS A 191 -10.90 21.29 28.53
N LYS A 192 -9.91 21.57 27.67
CA LYS A 192 -9.68 22.90 27.08
C LYS A 192 -10.81 23.39 26.19
N THR A 193 -11.61 22.46 25.66
CA THR A 193 -12.68 22.77 24.70
C THR A 193 -14.10 22.55 25.27
N HIS A 194 -14.20 22.32 26.58
CA HIS A 194 -15.46 22.03 27.29
C HIS A 194 -16.21 20.82 26.71
N ARG A 195 -15.48 19.75 26.42
CA ARG A 195 -16.01 18.61 25.68
C ARG A 195 -15.76 17.26 26.38
N GLN A 196 -15.64 17.33 27.70
CA GLN A 196 -15.43 16.16 28.55
C GLN A 196 -16.60 15.17 28.49
N SER A 197 -17.77 15.70 28.10
CA SER A 197 -19.02 14.96 28.07
C SER A 197 -18.97 13.74 27.15
N ILE A 198 -18.19 13.86 26.08
CA ILE A 198 -18.11 12.81 25.05
C ILE A 198 -17.43 11.52 25.52
N LEU A 199 -16.52 11.62 26.47
CA LEU A 199 -15.82 10.45 27.03
C LEU A 199 -16.79 9.30 27.36
N ALA A 200 -17.74 9.59 28.24
CA ALA A 200 -18.80 8.64 28.61
C ALA A 200 -19.63 8.12 27.42
N LYS A 201 -19.70 8.90 26.35
CA LYS A 201 -20.58 8.60 25.23
C LYS A 201 -19.89 7.82 24.09
N LEU A 202 -18.59 7.56 24.23
CA LEU A 202 -17.84 6.84 23.19
C LEU A 202 -18.08 5.33 23.29
N PRO A 203 -18.19 4.64 22.13
CA PRO A 203 -18.29 3.18 22.09
C PRO A 203 -17.08 2.48 22.73
N PRO A 204 -17.33 1.41 23.53
CA PRO A 204 -16.25 0.67 24.22
C PRO A 204 -15.25 0.02 23.26
N LYS A 205 -14.03 -0.23 23.75
CA LYS A 205 -12.90 -0.63 22.90
C LYS A 205 -12.96 -2.10 22.40
N GLY A 206 -13.94 -2.85 22.88
CA GLY A 206 -14.27 -4.19 22.37
C GLY A 206 -15.48 -4.22 21.43
N LYS A 207 -16.05 -3.04 21.16
CA LYS A 207 -17.19 -2.86 20.23
C LYS A 207 -16.73 -2.50 18.81
N LEU A 208 -15.53 -1.92 18.70
CA LEU A 208 -14.92 -1.56 17.42
C LEU A 208 -14.54 -2.78 16.57
N ARG A 209 -13.91 -3.78 17.21
CA ARG A 209 -13.47 -5.02 16.55
C ARG A 209 -14.44 -6.21 16.75
N SER A 210 -15.66 -5.92 17.23
CA SER A 210 -16.77 -6.88 17.23
C SER A 210 -17.50 -6.88 15.88
N LEU A 211 -17.35 -5.77 15.16
CA LEU A 211 -17.84 -5.58 13.79
C LEU A 211 -16.93 -6.27 12.75
N CYS A 212 -15.64 -6.34 13.05
CA CYS A 212 -14.65 -7.03 12.20
C CYS A 212 -14.67 -8.57 12.40
N SER A 213 -15.86 -9.17 12.21
CA SER A 213 -16.10 -10.62 12.41
C SER A 213 -16.04 -11.42 11.09
N GLN A 214 -17.07 -11.29 10.26
CA GLN A 214 -17.09 -11.86 8.92
C GLN A 214 -16.44 -10.85 7.96
N HIS A 215 -15.14 -10.65 8.16
CA HIS A 215 -14.39 -9.51 7.60
C HIS A 215 -13.15 -9.99 6.85
N ALA B 1 8.20 -32.88 -3.95
CA ALA B 1 7.80 -32.64 -5.37
C ALA B 1 8.25 -33.77 -6.33
N SER B 2 7.54 -33.94 -7.44
CA SER B 2 7.99 -34.73 -8.60
C SER B 2 8.22 -33.78 -9.79
N LEU B 3 8.62 -34.31 -10.95
CA LEU B 3 8.96 -33.44 -12.09
C LEU B 3 7.76 -32.78 -12.81
N THR B 4 6.59 -33.41 -12.73
CA THR B 4 5.36 -32.77 -13.22
C THR B 4 4.93 -31.67 -12.24
N GLU B 5 5.10 -31.95 -10.94
CA GLU B 5 4.81 -30.99 -9.86
C GLU B 5 5.61 -29.68 -9.98
N ILE B 6 6.86 -29.78 -10.46
CA ILE B 6 7.71 -28.60 -10.64
C ILE B 6 7.28 -27.71 -11.82
N GLU B 7 6.66 -28.32 -12.83
CA GLU B 7 6.07 -27.59 -13.96
C GLU B 7 4.80 -26.83 -13.61
N HIS B 8 4.03 -27.35 -12.65
CA HIS B 8 2.88 -26.63 -12.10
C HIS B 8 3.39 -25.34 -11.47
N LEU B 9 4.51 -25.42 -10.75
CA LEU B 9 5.16 -24.26 -10.14
C LEU B 9 5.62 -23.25 -11.19
N VAL B 10 6.25 -23.74 -12.27
CA VAL B 10 6.68 -22.88 -13.39
C VAL B 10 5.46 -22.12 -13.94
N GLN B 11 4.43 -22.85 -14.35
CA GLN B 11 3.22 -22.22 -14.88
C GLN B 11 2.54 -21.27 -13.88
N SER B 12 2.53 -21.67 -12.60
CA SER B 12 1.90 -20.87 -11.54
C SER B 12 2.57 -19.51 -11.36
N VAL B 13 3.90 -19.51 -11.38
CA VAL B 13 4.72 -18.30 -11.26
C VAL B 13 4.53 -17.40 -12.49
N CYS B 14 4.57 -17.99 -13.68
CA CYS B 14 4.37 -17.26 -14.95
C CYS B 14 2.97 -16.64 -15.10
N LYS B 15 1.97 -17.29 -14.50
CA LYS B 15 0.61 -16.78 -14.45
C LYS B 15 0.59 -15.58 -13.52
N SER B 16 1.11 -15.74 -12.30
CA SER B 16 1.15 -14.67 -11.27
C SER B 16 1.80 -13.40 -11.78
N TYR B 17 2.89 -13.55 -12.51
CA TYR B 17 3.56 -12.43 -13.14
C TYR B 17 2.68 -11.76 -14.20
N ARG B 18 2.10 -12.58 -15.08
CA ARG B 18 1.22 -12.12 -16.15
C ARG B 18 0.06 -11.30 -15.58
N GLU B 19 -0.47 -11.76 -14.44
CA GLU B 19 -1.59 -11.12 -13.78
C GLU B 19 -1.24 -9.82 -13.07
N THR B 20 0.02 -9.67 -12.68
CA THR B 20 0.45 -8.53 -11.84
C THR B 20 1.65 -7.75 -12.42
N CYS B 21 1.73 -7.66 -13.75
CA CYS B 21 2.91 -7.06 -14.41
C CYS B 21 2.86 -5.55 -14.60
N GLN B 22 1.70 -4.97 -14.28
CA GLN B 22 1.42 -3.52 -14.37
C GLN B 22 1.40 -2.96 -15.80
N LEU B 23 2.47 -3.13 -16.55
CA LEU B 23 2.53 -2.69 -17.94
C LEU B 23 2.74 -3.90 -18.84
N ARG B 24 1.93 -3.99 -19.88
CA ARG B 24 1.97 -5.11 -20.83
C ARG B 24 3.04 -4.92 -21.89
N LEU B 25 3.87 -5.96 -22.10
CA LEU B 25 5.01 -5.92 -23.04
C LEU B 25 4.58 -5.51 -24.44
N GLU B 26 3.43 -6.05 -24.88
CA GLU B 26 2.73 -5.64 -26.09
C GLU B 26 2.64 -4.10 -26.23
N ASP B 27 2.15 -3.44 -25.18
CA ASP B 27 1.96 -1.99 -25.15
C ASP B 27 3.28 -1.23 -25.09
N LEU B 28 4.19 -1.70 -24.24
CA LEU B 28 5.49 -1.07 -24.02
C LEU B 28 6.36 -1.05 -25.28
N LEU B 29 6.39 -2.17 -26.00
CA LEU B 29 7.12 -2.27 -27.26
C LEU B 29 6.46 -1.40 -28.35
N ARG B 30 5.14 -1.41 -28.41
CA ARG B 30 4.35 -0.60 -29.35
C ARG B 30 4.57 0.90 -29.13
N GLN B 31 4.68 1.28 -27.86
CA GLN B 31 4.87 2.67 -27.43
C GLN B 31 6.29 3.23 -27.65
N ARG B 32 7.24 2.37 -27.98
CA ARG B 32 8.66 2.75 -28.18
C ARG B 32 8.84 3.89 -29.17
N SER B 33 8.03 3.88 -30.24
CA SER B 33 8.03 4.93 -31.28
C SER B 33 7.53 6.30 -30.79
N ASN B 34 6.89 6.32 -29.61
CA ASN B 34 6.35 7.53 -28.99
C ASN B 34 7.34 8.14 -27.97
N ILE B 35 8.08 9.13 -28.43
CA ILE B 35 9.24 9.70 -27.72
C ILE B 35 9.02 11.19 -27.43
N PHE B 36 9.44 11.65 -26.24
CA PHE B 36 9.32 13.07 -25.84
C PHE B 36 10.11 14.02 -26.74
N SER B 37 9.44 15.07 -27.18
CA SER B 37 10.05 16.16 -27.94
C SER B 37 10.97 16.99 -27.06
N ARG B 38 11.90 17.73 -27.70
CA ARG B 38 12.83 18.65 -27.05
C ARG B 38 12.11 19.55 -26.05
N GLU B 39 10.96 20.08 -26.47
CA GLU B 39 10.15 21.00 -25.66
C GLU B 39 9.55 20.29 -24.45
N GLU B 40 9.14 19.05 -24.63
CA GLU B 40 8.60 18.22 -23.55
C GLU B 40 9.66 17.86 -22.49
N VAL B 41 10.82 17.41 -22.97
CA VAL B 41 11.98 17.13 -22.13
C VAL B 41 12.30 18.37 -21.27
N THR B 42 12.39 19.53 -21.92
CA THR B 42 12.63 20.82 -21.24
C THR B 42 11.60 21.08 -20.13
N GLY B 43 10.33 20.81 -20.43
CA GLY B 43 9.24 20.97 -19.46
C GLY B 43 9.46 20.19 -18.17
N TYR B 44 9.94 18.96 -18.33
CA TYR B 44 10.32 18.09 -17.22
C TYR B 44 11.56 18.55 -16.47
N GLN B 45 12.55 19.03 -17.23
CA GLN B 45 13.81 19.51 -16.68
C GLN B 45 13.62 20.80 -15.89
N ARG B 46 12.60 21.57 -16.29
CA ARG B 46 12.26 22.86 -15.69
C ARG B 46 11.60 22.67 -14.32
N LYS B 47 10.99 21.50 -14.11
CA LYS B 47 10.30 21.18 -12.85
C LYS B 47 11.22 21.17 -11.62
N SER B 48 10.61 21.33 -10.46
CA SER B 48 11.35 21.23 -9.21
C SER B 48 11.83 19.79 -9.01
N MET B 49 12.93 19.65 -8.27
CA MET B 49 13.36 18.33 -7.81
C MET B 49 12.25 17.70 -6.97
N TRP B 50 11.58 18.51 -6.16
CA TRP B 50 10.47 18.08 -5.33
C TRP B 50 9.30 17.51 -6.13
N GLU B 51 9.00 18.11 -7.28
CA GLU B 51 7.93 17.59 -8.09
C GLU B 51 8.37 16.32 -8.79
N MET B 52 9.59 16.32 -9.32
CA MET B 52 10.14 15.12 -9.95
C MET B 52 10.24 13.92 -8.99
N TRP B 53 10.74 14.16 -7.76
CA TRP B 53 10.76 13.12 -6.70
C TRP B 53 9.36 12.56 -6.47
N GLU B 54 8.40 13.47 -6.33
CA GLU B 54 7.00 13.15 -6.07
C GLU B 54 6.35 12.24 -7.12
N ARG B 55 6.48 12.62 -8.40
CA ARG B 55 5.98 11.80 -9.51
C ARG B 55 6.62 10.42 -9.48
N CYS B 56 7.95 10.40 -9.42
CA CYS B 56 8.75 9.16 -9.41
C CYS B 56 8.43 8.25 -8.25
N ALA B 57 8.37 8.81 -7.03
CA ALA B 57 7.98 8.06 -5.83
C ALA B 57 6.58 7.46 -5.96
N HIS B 58 5.63 8.23 -6.51
CA HIS B 58 4.29 7.72 -6.76
C HIS B 58 4.37 6.46 -7.61
N HIS B 59 4.93 6.59 -8.81
CA HIS B 59 4.96 5.52 -9.82
C HIS B 59 5.68 4.30 -9.34
N LEU B 60 6.75 4.52 -8.58
CA LEU B 60 7.55 3.45 -8.04
C LEU B 60 6.88 2.72 -6.89
N THR B 61 6.13 3.46 -6.05
CA THR B 61 5.31 2.86 -4.98
C THR B 61 4.25 1.95 -5.59
N GLU B 62 3.58 2.46 -6.64
CA GLU B 62 2.59 1.73 -7.42
C GLU B 62 3.19 0.44 -7.96
N ALA B 63 4.40 0.55 -8.53
CA ALA B 63 5.17 -0.59 -8.99
C ALA B 63 5.44 -1.62 -7.90
N ILE B 64 5.78 -1.13 -6.70
CA ILE B 64 6.06 -1.98 -5.53
C ILE B 64 4.81 -2.75 -5.11
N GLN B 65 3.66 -2.09 -5.15
CA GLN B 65 2.39 -2.74 -4.82
C GLN B 65 2.15 -3.98 -5.71
N TYR B 66 2.42 -3.82 -7.01
CA TYR B 66 2.34 -4.94 -7.95
C TYR B 66 3.28 -6.10 -7.63
N VAL B 67 4.47 -5.77 -7.13
CA VAL B 67 5.45 -6.78 -6.76
C VAL B 67 5.00 -7.51 -5.50
N VAL B 68 4.33 -6.78 -4.59
CA VAL B 68 3.72 -7.39 -3.41
C VAL B 68 2.57 -8.32 -3.84
N GLU B 69 1.77 -7.88 -4.80
CA GLU B 69 0.72 -8.73 -5.39
C GLU B 69 1.24 -9.98 -6.09
N PHE B 70 2.36 -9.84 -6.81
CA PHE B 70 3.10 -10.94 -7.43
C PHE B 70 3.56 -11.93 -6.38
N ALA B 71 4.13 -11.41 -5.29
CA ALA B 71 4.70 -12.20 -4.22
C ALA B 71 3.62 -12.97 -3.49
N LYS B 72 2.51 -12.29 -3.17
CA LYS B 72 1.37 -12.91 -2.50
C LYS B 72 0.78 -14.08 -3.29
N ARG B 73 1.00 -14.07 -4.61
CA ARG B 73 0.52 -15.12 -5.50
C ARG B 73 1.51 -16.28 -5.73
N LEU B 74 2.66 -16.25 -5.08
CA LEU B 74 3.62 -17.36 -5.17
C LEU B 74 3.25 -18.50 -4.21
N SER B 75 3.49 -19.73 -4.67
CA SER B 75 3.23 -20.96 -3.90
C SER B 75 4.01 -20.99 -2.59
N GLY B 76 3.28 -20.92 -1.48
CA GLY B 76 3.89 -21.06 -0.16
C GLY B 76 4.47 -19.79 0.43
N PHE B 77 4.44 -18.68 -0.32
CA PHE B 77 4.85 -17.38 0.23
C PHE B 77 3.91 -16.95 1.36
N MET B 78 2.61 -17.18 1.14
CA MET B 78 1.57 -16.88 2.12
C MET B 78 1.72 -17.73 3.38
N GLU B 79 2.12 -18.99 3.19
CA GLU B 79 2.40 -19.94 4.26
C GLU B 79 3.51 -19.51 5.24
N LEU B 80 4.49 -18.74 4.77
CA LEU B 80 5.55 -18.17 5.62
C LEU B 80 4.98 -17.21 6.66
N CYS B 81 5.68 -17.06 7.79
CA CYS B 81 5.16 -16.31 8.93
C CYS B 81 5.13 -14.79 8.69
N GLN B 82 4.47 -14.09 9.61
CA GLN B 82 4.36 -12.62 9.64
C GLN B 82 5.67 -11.92 9.29
N ASN B 83 6.71 -12.19 10.08
CA ASN B 83 8.02 -11.54 10.00
C ASN B 83 8.71 -11.79 8.67
N ASP B 84 8.84 -13.07 8.33
CA ASP B 84 9.58 -13.55 7.15
C ASP B 84 9.08 -12.97 5.83
N GLN B 85 7.76 -12.90 5.66
CA GLN B 85 7.14 -12.24 4.50
C GLN B 85 7.58 -10.78 4.36
N ILE B 86 7.50 -10.04 5.47
CA ILE B 86 7.87 -8.63 5.52
C ILE B 86 9.38 -8.43 5.26
N VAL B 87 10.21 -9.32 5.81
CA VAL B 87 11.67 -9.27 5.62
C VAL B 87 12.02 -9.38 4.13
N LEU B 88 11.48 -10.40 3.46
CA LEU B 88 11.78 -10.69 2.05
C LEU B 88 11.36 -9.57 1.11
N LEU B 89 10.17 -9.01 1.36
CA LEU B 89 9.61 -7.90 0.58
C LEU B 89 10.38 -6.61 0.76
N LYS B 90 10.70 -6.30 2.03
CA LYS B 90 11.55 -5.17 2.40
C LYS B 90 12.88 -5.24 1.64
N ALA B 91 13.52 -6.40 1.70
CA ALA B 91 14.84 -6.61 1.11
C ALA B 91 14.84 -7.00 -0.39
N GLY B 92 13.65 -7.11 -0.99
CA GLY B 92 13.53 -7.64 -2.35
C GLY B 92 12.71 -6.85 -3.37
N ALA B 93 11.59 -6.29 -2.93
CA ALA B 93 10.63 -5.65 -3.85
C ALA B 93 11.24 -4.61 -4.81
N MET B 94 12.10 -3.73 -4.30
CA MET B 94 12.72 -2.70 -5.14
C MET B 94 13.65 -3.27 -6.21
N GLU B 95 14.40 -4.30 -5.86
CA GLU B 95 15.20 -5.04 -6.84
C GLU B 95 14.33 -5.61 -7.97
N VAL B 96 13.17 -6.17 -7.62
CA VAL B 96 12.25 -6.73 -8.64
C VAL B 96 11.78 -5.61 -9.57
N VAL B 97 11.32 -4.50 -8.99
CA VAL B 97 10.89 -3.30 -9.73
C VAL B 97 11.99 -2.86 -10.71
N LEU B 98 13.22 -2.91 -10.24
CA LEU B 98 14.39 -2.54 -11.02
C LEU B 98 14.61 -3.49 -12.20
N VAL B 99 14.38 -4.79 -11.97
CA VAL B 99 14.50 -5.81 -13.04
C VAL B 99 13.33 -5.67 -14.02
N ARG B 100 12.10 -5.74 -13.50
CA ARG B 100 10.88 -5.51 -14.27
C ARG B 100 10.95 -4.28 -15.19
N MET B 101 11.78 -3.30 -14.80
CA MET B 101 11.90 -2.04 -15.51
C MET B 101 12.53 -2.18 -16.89
N CYS B 102 13.45 -3.12 -17.05
CA CYS B 102 14.17 -3.30 -18.32
C CYS B 102 13.25 -3.48 -19.55
N ARG B 103 12.03 -3.98 -19.30
CA ARG B 103 10.98 -4.09 -20.32
C ARG B 103 10.51 -2.73 -20.83
N ALA B 104 10.67 -1.70 -20.00
CA ALA B 104 10.28 -0.35 -20.35
C ALA B 104 11.45 0.44 -20.96
N TYR B 105 12.58 -0.24 -21.17
CA TYR B 105 13.82 0.37 -21.66
C TYR B 105 14.15 0.02 -23.11
N ASN B 106 14.14 1.02 -23.98
CA ASN B 106 14.52 0.83 -25.39
C ASN B 106 16.02 1.00 -25.54
N ALA B 107 16.68 -0.12 -25.81
CA ALA B 107 18.12 -0.16 -25.93
C ALA B 107 18.66 0.58 -27.15
N ASP B 108 17.83 0.70 -28.19
CA ASP B 108 18.15 1.40 -29.45
C ASP B 108 18.65 2.82 -29.20
N ASN B 109 17.86 3.59 -28.47
CA ASN B 109 18.09 5.02 -28.28
C ASN B 109 18.34 5.40 -26.81
N ARG B 110 18.57 4.40 -25.97
CA ARG B 110 18.77 4.58 -24.53
C ARG B 110 17.64 5.40 -23.84
N THR B 111 16.39 5.01 -24.12
CA THR B 111 15.21 5.69 -23.53
C THR B 111 14.35 4.77 -22.66
N VAL B 112 13.68 5.35 -21.68
CA VAL B 112 12.82 4.59 -20.76
C VAL B 112 11.37 5.11 -20.77
N PHE B 113 10.42 4.21 -20.49
CA PHE B 113 9.03 4.60 -20.38
C PHE B 113 8.76 5.41 -19.10
N PHE B 114 8.27 6.62 -19.28
CA PHE B 114 7.90 7.49 -18.16
C PHE B 114 6.72 8.38 -18.55
N GLU B 115 5.62 8.23 -17.81
CA GLU B 115 4.41 9.05 -17.96
C GLU B 115 3.89 9.18 -19.39
N GLY B 116 3.71 8.05 -20.06
CA GLY B 116 3.05 8.02 -21.36
C GLY B 116 3.93 8.02 -22.59
N LYS B 117 5.20 8.43 -22.46
CA LYS B 117 6.15 8.38 -23.58
C LYS B 117 7.54 7.87 -23.15
N TYR B 118 8.43 7.75 -24.13
CA TYR B 118 9.82 7.38 -23.89
C TYR B 118 10.72 8.62 -23.86
N GLY B 119 11.73 8.57 -22.98
CA GLY B 119 12.67 9.67 -22.80
C GLY B 119 14.01 9.16 -22.32
N GLY B 120 15.08 9.89 -22.66
CA GLY B 120 16.44 9.53 -22.27
C GLY B 120 16.70 9.97 -20.86
N MET B 121 17.92 9.79 -20.38
CA MET B 121 18.19 10.05 -18.98
C MET B 121 18.19 11.53 -18.58
N GLU B 122 18.39 12.42 -19.56
CA GLU B 122 18.34 13.87 -19.33
C GLU B 122 16.94 14.37 -18.96
N LEU B 123 15.96 13.49 -19.09
CA LEU B 123 14.59 13.78 -18.68
C LEU B 123 14.46 14.02 -17.17
N PHE B 124 15.37 13.42 -16.40
CA PHE B 124 15.32 13.43 -14.94
C PHE B 124 16.40 14.36 -14.36
N ARG B 125 16.74 15.40 -15.12
CA ARG B 125 17.83 16.30 -14.78
C ARG B 125 17.57 17.00 -13.45
N ALA B 126 16.30 17.28 -13.17
CA ALA B 126 15.88 18.06 -12.01
C ALA B 126 16.22 17.43 -10.68
N LEU B 127 16.14 16.10 -10.62
CA LEU B 127 16.48 15.31 -9.43
C LEU B 127 17.91 15.55 -8.92
N GLY B 128 18.84 15.73 -9.85
CA GLY B 128 20.25 15.91 -9.54
C GLY B 128 20.89 14.65 -8.98
N CYS B 129 20.61 13.53 -9.64
CA CYS B 129 21.17 12.23 -9.25
C CYS B 129 21.63 11.48 -10.49
N SER B 130 22.39 12.16 -11.35
CA SER B 130 22.78 11.63 -12.66
C SER B 130 23.67 10.39 -12.60
N GLU B 131 24.43 10.22 -11.51
CA GLU B 131 25.18 8.98 -11.27
C GLU B 131 24.23 7.80 -11.05
N LEU B 132 23.29 7.94 -10.11
CA LEU B 132 22.27 6.91 -9.81
C LEU B 132 21.39 6.57 -11.01
N ILE B 133 20.94 7.58 -11.74
CA ILE B 133 20.09 7.37 -12.91
C ILE B 133 20.86 6.65 -14.02
N SER B 134 22.06 7.14 -14.34
CA SER B 134 22.89 6.52 -15.41
C SER B 134 23.20 5.06 -15.12
N SER B 135 23.49 4.76 -13.86
CA SER B 135 23.71 3.38 -13.45
C SER B 135 22.44 2.51 -13.53
N ILE B 136 21.28 3.10 -13.26
CA ILE B 136 19.98 2.40 -13.49
C ILE B 136 19.76 2.18 -14.98
N PHE B 137 20.12 3.19 -15.77
CA PHE B 137 20.06 3.08 -17.23
C PHE B 137 21.04 2.03 -17.74
N ASP B 138 22.24 1.98 -17.13
CA ASP B 138 23.29 1.00 -17.48
C ASP B 138 22.85 -0.43 -17.19
N PHE B 139 22.30 -0.62 -15.98
CA PHE B 139 21.78 -1.91 -15.54
C PHE B 139 20.68 -2.42 -16.48
N SER B 140 19.80 -1.52 -16.90
CA SER B 140 18.74 -1.85 -17.82
C SER B 140 19.25 -2.17 -19.21
N HIS B 141 20.31 -1.48 -19.62
CA HIS B 141 20.95 -1.74 -20.90
C HIS B 141 21.46 -3.17 -20.96
N SER B 142 22.21 -3.57 -19.93
CA SER B 142 22.78 -4.91 -19.84
C SER B 142 21.73 -6.03 -19.78
N LEU B 143 20.62 -5.77 -19.12
CA LEU B 143 19.50 -6.73 -19.12
C LEU B 143 18.76 -6.77 -20.45
N SER B 144 18.71 -5.63 -21.15
CA SER B 144 18.11 -5.57 -22.48
C SER B 144 18.92 -6.37 -23.49
N ALA B 145 20.22 -6.47 -23.23
CA ALA B 145 21.15 -7.29 -24.01
C ALA B 145 20.81 -8.78 -24.00
N LEU B 146 20.24 -9.27 -22.89
CA LEU B 146 19.84 -10.68 -22.73
C LEU B 146 18.53 -11.06 -23.43
N HIS B 147 17.71 -10.07 -23.78
CA HIS B 147 16.34 -10.27 -24.29
C HIS B 147 15.52 -11.22 -23.40
N PHE B 148 15.48 -10.90 -22.11
CA PHE B 148 14.67 -11.58 -21.11
C PHE B 148 13.21 -11.76 -21.55
N SER B 149 12.79 -13.01 -21.70
CA SER B 149 11.37 -13.28 -21.94
C SER B 149 10.53 -13.04 -20.67
N GLU B 150 9.22 -12.91 -20.87
CA GLU B 150 8.30 -12.68 -19.75
C GLU B 150 8.44 -13.78 -18.71
N ASP B 151 8.38 -15.04 -19.15
CA ASP B 151 8.53 -16.20 -18.28
C ASP B 151 9.84 -16.17 -17.50
N GLU B 152 10.91 -15.72 -18.17
CA GLU B 152 12.23 -15.59 -17.56
C GLU B 152 12.22 -14.54 -16.43
N ILE B 153 11.71 -13.33 -16.72
CA ILE B 153 11.54 -12.27 -15.72
C ILE B 153 10.73 -12.78 -14.51
N ALA B 154 9.60 -13.40 -14.79
CA ALA B 154 8.72 -14.01 -13.80
C ALA B 154 9.49 -14.93 -12.85
N LEU B 155 10.22 -15.87 -13.43
CA LEU B 155 10.97 -16.86 -12.68
C LEU B 155 12.15 -16.26 -11.92
N TYR B 156 12.88 -15.37 -12.60
CA TYR B 156 14.06 -14.72 -12.01
C TYR B 156 13.69 -13.83 -10.82
N THR B 157 12.72 -12.93 -11.04
CA THR B 157 12.24 -12.02 -9.99
C THR B 157 11.59 -12.77 -8.80
N ALA B 158 11.15 -14.00 -9.04
CA ALA B 158 10.67 -14.86 -7.95
C ALA B 158 11.84 -15.24 -7.03
N LEU B 159 12.97 -15.59 -7.64
CA LEU B 159 14.18 -16.00 -6.92
C LEU B 159 14.92 -14.83 -6.27
N VAL B 160 14.70 -13.63 -6.81
CA VAL B 160 15.19 -12.39 -6.22
C VAL B 160 14.54 -12.20 -4.84
N LEU B 161 13.21 -12.38 -4.78
CA LEU B 161 12.43 -12.24 -3.54
C LEU B 161 12.72 -13.38 -2.57
N ILE B 162 12.64 -14.62 -3.07
CA ILE B 162 12.75 -15.80 -2.22
C ILE B 162 14.22 -16.15 -2.00
N ASN B 163 14.76 -15.61 -0.92
CA ASN B 163 16.18 -15.65 -0.61
C ASN B 163 16.38 -15.99 0.88
N ALA B 164 16.90 -17.18 1.15
CA ALA B 164 17.18 -17.63 2.53
C ALA B 164 18.32 -16.86 3.21
N HIS B 165 19.13 -16.16 2.40
CA HIS B 165 20.28 -15.40 2.90
C HIS B 165 19.94 -13.99 3.43
N ARG B 166 18.67 -13.59 3.34
CA ARG B 166 18.21 -12.33 3.96
C ARG B 166 18.33 -12.42 5.49
N PRO B 167 19.04 -11.45 6.11
CA PRO B 167 19.13 -11.40 7.58
C PRO B 167 17.82 -10.94 8.23
N GLY B 168 17.41 -11.63 9.30
CA GLY B 168 16.17 -11.33 10.03
C GLY B 168 15.14 -12.45 10.01
N LEU B 169 15.38 -13.46 9.16
CA LEU B 169 14.42 -14.53 8.90
C LEU B 169 14.35 -15.52 10.05
N GLN B 170 13.14 -15.74 10.56
CA GLN B 170 12.89 -16.66 11.68
C GLN B 170 12.84 -18.11 11.21
N GLU B 171 11.89 -18.42 10.33
CA GLU B 171 11.77 -19.74 9.73
C GLU B 171 12.60 -19.81 8.45
N LYS B 172 13.92 -19.76 8.60
CA LYS B 172 14.87 -19.75 7.49
C LYS B 172 14.84 -21.06 6.67
N ARG B 173 14.67 -22.20 7.35
CA ARG B 173 14.53 -23.52 6.70
C ARG B 173 13.35 -23.58 5.73
N LYS B 174 12.25 -22.91 6.11
CA LYS B 174 11.01 -22.89 5.36
C LYS B 174 11.18 -22.12 4.04
N VAL B 175 11.97 -21.05 4.10
CA VAL B 175 12.29 -20.18 2.94
C VAL B 175 13.15 -20.93 1.92
N GLU B 176 14.19 -21.61 2.43
CA GLU B 176 15.06 -22.50 1.65
C GLU B 176 14.27 -23.48 0.79
N GLN B 177 13.25 -24.11 1.40
CA GLN B 177 12.38 -25.05 0.72
C GLN B 177 11.87 -24.49 -0.60
N LEU B 178 11.24 -23.32 -0.53
CA LEU B 178 10.70 -22.63 -1.69
C LEU B 178 11.79 -22.23 -2.67
N GLN B 179 12.87 -21.67 -2.14
CA GLN B 179 14.00 -21.19 -2.92
C GLN B 179 14.57 -22.28 -3.82
N TYR B 180 14.82 -23.46 -3.23
CA TYR B 180 15.38 -24.60 -3.96
C TYR B 180 14.42 -25.13 -5.02
N ASN B 181 13.12 -25.09 -4.72
CA ASN B 181 12.07 -25.47 -5.67
C ASN B 181 12.02 -24.49 -6.83
N LEU B 182 12.25 -23.21 -6.53
CA LEU B 182 12.20 -22.16 -7.53
C LEU B 182 13.46 -22.10 -8.37
N GLU B 183 14.59 -22.51 -7.78
CA GLU B 183 15.84 -22.70 -8.53
C GLU B 183 15.74 -23.86 -9.51
N LEU B 184 15.15 -24.98 -9.06
CA LEU B 184 14.93 -26.13 -9.93
C LEU B 184 13.98 -25.74 -11.06
N ALA B 185 12.88 -25.09 -10.70
CA ALA B 185 11.87 -24.62 -11.66
C ALA B 185 12.49 -23.74 -12.75
N PHE B 186 13.34 -22.80 -12.34
CA PHE B 186 14.02 -21.84 -13.24
C PHE B 186 14.99 -22.55 -14.18
N HIS B 187 15.84 -23.41 -13.62
CA HIS B 187 16.78 -24.25 -14.37
C HIS B 187 16.05 -25.16 -15.36
N HIS B 188 14.99 -25.82 -14.88
CA HIS B 188 14.18 -26.71 -15.70
C HIS B 188 13.63 -25.99 -16.92
N HIS B 189 13.08 -24.79 -16.69
CA HIS B 189 12.48 -24.01 -17.76
C HIS B 189 13.51 -23.59 -18.81
N LEU B 190 14.71 -23.20 -18.39
CA LEU B 190 15.74 -22.74 -19.32
C LEU B 190 16.23 -23.88 -20.21
N CYS B 191 16.22 -25.08 -19.66
CA CYS B 191 16.59 -26.28 -20.39
C CYS B 191 15.53 -26.63 -21.42
N LYS B 192 14.27 -26.46 -21.03
CA LYS B 192 13.10 -26.64 -21.90
C LYS B 192 13.11 -25.70 -23.10
N THR B 193 13.71 -24.53 -22.92
CA THR B 193 13.64 -23.43 -23.89
C THR B 193 15.01 -23.16 -24.54
N HIS B 194 15.98 -24.05 -24.29
CA HIS B 194 17.36 -23.92 -24.80
C HIS B 194 17.96 -22.54 -24.49
N ARG B 195 17.76 -22.10 -23.25
CA ARG B 195 18.17 -20.78 -22.77
C ARG B 195 19.06 -20.87 -21.53
N GLN B 196 19.81 -21.97 -21.43
CA GLN B 196 20.72 -22.21 -20.31
C GLN B 196 21.91 -21.21 -20.31
N SER B 197 22.18 -20.63 -21.48
CA SER B 197 23.28 -19.71 -21.68
C SER B 197 23.11 -18.36 -20.97
N ILE B 198 21.90 -18.07 -20.47
CA ILE B 198 21.65 -16.82 -19.72
C ILE B 198 22.12 -16.89 -18.26
N LEU B 199 22.17 -18.11 -17.70
CA LEU B 199 22.57 -18.35 -16.30
C LEU B 199 23.92 -17.76 -15.96
N ALA B 200 24.90 -18.01 -16.83
CA ALA B 200 26.24 -17.44 -16.74
C ALA B 200 26.24 -15.90 -16.92
N LYS B 201 25.30 -15.39 -17.71
CA LYS B 201 25.23 -13.95 -18.03
C LYS B 201 24.43 -13.11 -17.02
N LEU B 202 23.77 -13.77 -16.07
CA LEU B 202 22.98 -13.09 -15.03
C LEU B 202 23.88 -12.29 -14.10
N PRO B 203 23.52 -11.01 -13.82
CA PRO B 203 24.28 -10.19 -12.87
C PRO B 203 24.29 -10.82 -11.47
N PRO B 204 25.40 -10.64 -10.71
CA PRO B 204 25.51 -11.18 -9.34
C PRO B 204 24.52 -10.56 -8.35
N LYS B 205 24.26 -11.26 -7.24
CA LYS B 205 23.31 -10.79 -6.21
C LYS B 205 23.86 -9.62 -5.38
N GLY B 206 25.16 -9.34 -5.53
CA GLY B 206 25.79 -8.13 -4.99
C GLY B 206 25.68 -6.92 -5.90
N LYS B 207 25.78 -7.16 -7.22
CA LYS B 207 25.61 -6.14 -8.27
C LYS B 207 24.20 -5.54 -8.32
N LEU B 208 23.21 -6.41 -8.07
CA LEU B 208 21.79 -6.07 -8.04
C LEU B 208 21.42 -5.14 -6.86
N ARG B 209 22.16 -5.29 -5.75
CA ARG B 209 21.94 -4.55 -4.50
C ARG B 209 22.98 -3.43 -4.27
N SER B 210 23.87 -3.23 -5.25
CA SER B 210 24.88 -2.16 -5.24
C SER B 210 24.26 -0.77 -5.29
N LEU B 211 23.19 -0.65 -6.08
CA LEU B 211 22.41 0.60 -6.23
C LEU B 211 21.48 0.81 -5.03
N CYS B 212 20.90 -0.29 -4.53
CA CYS B 212 20.03 -0.28 -3.35
C CYS B 212 20.83 -0.54 -2.08
C1 MPD C . -23.73 5.94 -10.36
C2 MPD C . -23.99 4.94 -11.47
O2 MPD C . -25.27 4.32 -11.26
CM MPD C . -24.00 5.75 -12.78
C3 MPD C . -22.92 3.84 -11.38
C4 MPD C . -22.67 2.98 -12.64
O4 MPD C . -21.38 2.37 -12.52
C5 MPD C . -23.74 1.91 -12.89
C4 E3S D . -15.14 7.72 3.85
C5 E3S D . -15.72 7.44 2.62
C6 E3S D . -14.94 7.06 1.53
C7 E3S D . -15.61 6.72 0.20
C10 E3S D . -13.23 7.20 -0.70
C13 E3S D . -12.97 7.24 2.92
C17 E3S D . -14.28 8.32 -3.76
C26 E3S D . -17.80 3.88 1.46
C28 E3S D . -19.50 2.76 2.79
C1 E3S D . -12.83 9.28 5.59
O2 E3S D . -13.16 7.92 5.22
C3 E3S D . -13.75 7.64 4.01
N9 E3S D . -14.67 6.86 -0.95
C11 E3S D . -12.67 6.54 0.55
C12 E3S D . -13.56 6.95 1.69
C14 E3S D . -15.13 6.70 -2.23
O15 E3S D . -16.30 6.43 -2.42
C16 E3S D . -14.26 6.85 -3.45
C18 E3S D . -13.29 9.21 -3.50
C19 E3S D . -13.82 10.45 -3.96
O20 E3S D . -13.22 11.66 -3.93
N21 E3S D . -15.02 10.18 -4.41
O22 E3S D . -15.29 9.01 -4.30
C23 E3S D . -16.04 5.29 0.44
O24 E3S D . -15.29 4.40 0.14
N25 E3S D . -17.27 5.09 1.01
C27 E3S D . -18.96 3.92 2.23
C29 E3S D . -18.88 1.53 2.62
C30 E3S D . -17.69 1.49 1.88
F31 E3S D . -17.01 0.34 1.66
C32 E3S D . -17.16 2.65 1.32
C33 E3S D . -19.49 0.28 3.27
C34 E3S D . -20.76 0.57 4.08
C35 E3S D . -19.83 -0.82 2.28
C36 E3S D . -18.49 -0.29 4.28
C1 MPD E . 5.51 16.81 -21.03
C2 MPD E . 5.29 18.06 -20.20
O2 MPD E . 6.55 18.70 -19.98
CM MPD E . 4.38 18.98 -21.02
C3 MPD E . 4.76 17.63 -18.81
C4 MPD E . 3.86 18.57 -18.00
O4 MPD E . 3.47 17.86 -16.81
C5 MPD E . 4.47 19.92 -17.61
C4 E3S F . 8.35 0.63 -15.61
C5 E3S F . 8.03 1.96 -15.88
C6 E3S F . 7.01 2.62 -15.17
C7 E3S F . 6.71 4.09 -15.45
C10 E3S F . 4.47 3.44 -14.36
C13 E3S F . 6.66 0.58 -13.91
C17 E3S F . 2.63 5.73 -16.06
C26 E3S F . 10.16 5.48 -14.58
C28 E3S F . 12.57 5.78 -14.75
C1 E3S F . 7.40 -2.47 -15.13
O2 E3S F . 7.95 -1.40 -14.34
C3 E3S F . 7.65 -0.08 -14.62
N9 E3S F . 5.34 4.46 -15.02
C11 E3S F . 5.24 2.57 -13.38
C12 E3S F . 6.34 1.92 -14.17
C14 E3S F . 4.89 5.72 -15.27
O15 E3S F . 5.60 6.54 -15.81
C16 E3S F . 3.49 6.17 -14.91
C18 E3S F . 1.72 4.72 -16.07
C19 E3S F . 1.21 4.70 -17.38
O20 E3S F . 0.27 3.86 -17.89
N21 E3S F . 1.83 5.66 -18.02
O22 E3S F . 2.63 6.23 -17.31
C23 E3S F . 7.79 4.75 -14.63
O24 E3S F . 7.54 5.00 -13.46
N25 E3S F . 8.99 5.02 -15.21
C27 E3S F . 11.35 5.42 -15.32
C29 E3S F . 12.65 6.18 -13.40
C30 E3S F . 11.45 6.19 -12.65
F31 E3S F . 11.43 6.55 -11.35
C32 E3S F . 10.23 5.83 -13.23
C33 E3S F . 14.01 6.56 -12.79
C34 E3S F . 15.16 6.48 -13.82
C35 E3S F . 14.06 7.96 -12.17
C36 E3S F . 14.36 5.56 -11.69
#